data_5TL8
#
_entry.id   5TL8
#
_cell.length_a   120.030
_cell.length_b   55.040
_cell.length_c   71.620
_cell.angle_alpha   90.00
_cell.angle_beta   100.07
_cell.angle_gamma   90.00
#
_symmetry.space_group_name_H-M   'C 1 2 1'
#
loop_
_entity.id
_entity.type
_entity.pdbx_description
1 polymer 'Protein CYP51'
2 non-polymer 'PROTOPORPHYRIN IX CONTAINING FE'
3 non-polymer POSACONAZOLE
4 non-polymer 1,2-ETHANEDIOL
5 non-polymer 'CALCIUM ION'
6 water water
#
_entity_poly.entity_id   1
_entity_poly.type   'polypeptide(L)'
_entity_poly.pdbx_seq_one_letter_code
;MAKKTSSKGKLPPRVPNLIPYVGSFVSFAKNPVQFIIDNSKKYGDVFTATILGKEMTFLNHPKILDTFFKATDNELSLRD
VYRFMRPVFGTGVVYDADSTERMMEQVKFVSSGLTTARFRVFVDIFEDEIAHKVKELGPEGTVDVAELMADLIIFTASRC
LLGDEVRQYLSEKNLGKLYHDIDDGISPLSFFYPSLPAPKRDKARKAVGEIFQELLDKRREEHKKHPERLLDESKMDVVD
HLLTQKYKDGQELTDVHRIGILIAGLFAGQHTSSITSSWTLMNVISNKKVLEKVRKEQEEIMGSDKVLDYDKVMKMDYLE
ACMKEALRMYPPLIMIMRMARKPRE(CSO)EQYIIPKGNILVVSPSVAGR(CSO)TDTYTNPDVFDPERLTERKEHEKFK
YGAVPFGAGRHKCIGENFALLQVKSIISILLRYFDMEYIGKIPDPSYTSLVVGPSPPTRMRYKLRKQQHHHHHH
;
_entity_poly.pdbx_strand_id   A
#
# COMPACT_ATOMS: atom_id res chain seq x y z
N LYS A 10 -33.84 5.56 -11.96
CA LYS A 10 -33.61 4.38 -12.82
C LYS A 10 -32.10 4.12 -12.84
N LEU A 11 -31.64 3.37 -13.84
CA LEU A 11 -30.22 3.06 -13.95
C LEU A 11 -29.41 4.33 -14.16
N PRO A 12 -28.15 4.38 -13.66
CA PRO A 12 -27.28 5.52 -14.01
C PRO A 12 -26.96 5.60 -15.49
N PRO A 13 -26.55 6.78 -15.96
CA PRO A 13 -26.16 6.87 -17.37
C PRO A 13 -24.97 5.98 -17.65
N ARG A 14 -24.87 5.54 -18.90
CA ARG A 14 -23.81 4.62 -19.31
C ARG A 14 -22.84 5.29 -20.22
N VAL A 15 -21.58 4.86 -20.13
CA VAL A 15 -20.59 5.21 -21.11
C VAL A 15 -20.91 4.34 -22.30
N PRO A 16 -21.09 4.98 -23.48
CA PRO A 16 -21.44 4.16 -24.63
C PRO A 16 -20.32 3.18 -24.88
N ASN A 17 -20.71 1.94 -25.20
CA ASN A 17 -19.77 0.89 -25.59
C ASN A 17 -19.17 1.14 -26.96
N LEU A 18 -17.87 0.96 -27.06
CA LEU A 18 -17.19 0.86 -28.37
C LEU A 18 -17.65 -0.43 -29.12
N ILE A 19 -17.45 -1.58 -28.48
CA ILE A 19 -17.90 -2.91 -28.92
C ILE A 19 -18.80 -3.49 -27.82
N PRO A 20 -19.70 -4.44 -28.16
CA PRO A 20 -20.24 -5.26 -27.06
C PRO A 20 -19.18 -6.17 -26.36
N TYR A 21 -19.48 -6.53 -25.11
CA TYR A 21 -18.56 -7.29 -24.24
C TYR A 21 -17.28 -6.50 -23.82
N VAL A 22 -16.37 -6.26 -24.76
CA VAL A 22 -15.10 -5.55 -24.45
C VAL A 22 -15.41 -4.15 -23.85
N GLY A 23 -16.46 -3.55 -24.39
CA GLY A 23 -17.07 -2.35 -23.83
C GLY A 23 -16.14 -1.17 -23.99
N SER A 24 -15.78 -0.56 -22.85
CA SER A 24 -14.88 0.59 -22.83
C SER A 24 -13.52 0.24 -22.32
N PHE A 25 -13.11 -1.02 -22.44
CA PHE A 25 -11.78 -1.40 -21.92
C PHE A 25 -10.62 -0.56 -22.46
N VAL A 26 -10.67 -0.20 -23.74
CA VAL A 26 -9.51 0.45 -24.37
C VAL A 26 -9.15 1.84 -23.79
N SER A 27 -10.14 2.74 -23.74
CA SER A 27 -9.93 4.06 -23.14
C SER A 27 -9.58 3.86 -21.65
N PHE A 28 -10.32 2.97 -20.99
CA PHE A 28 -10.08 2.64 -19.58
C PHE A 28 -8.61 2.29 -19.35
N ALA A 29 -8.08 1.30 -20.05
CA ALA A 29 -6.72 0.79 -19.75
C ALA A 29 -5.56 1.74 -20.08
N LYS A 30 -5.77 2.67 -21.02
CA LYS A 30 -4.80 3.76 -21.27
C LYS A 30 -4.49 4.49 -19.94
N ASN A 31 -5.56 4.95 -19.29
CA ASN A 31 -5.44 5.72 -18.11
C ASN A 31 -6.78 5.66 -17.41
N PRO A 32 -6.92 4.69 -16.48
CA PRO A 32 -8.18 4.46 -15.78
C PRO A 32 -8.66 5.72 -15.06
N VAL A 33 -7.69 6.52 -14.56
CA VAL A 33 -8.01 7.77 -13.84
C VAL A 33 -8.58 8.82 -14.76
N GLN A 34 -7.90 9.11 -15.86
CA GLN A 34 -8.45 10.07 -16.83
C GLN A 34 -9.77 9.58 -17.45
N PHE A 35 -9.91 8.26 -17.63
CA PHE A 35 -11.18 7.63 -18.06
C PHE A 35 -12.30 8.01 -17.13
N ILE A 36 -12.08 7.92 -15.82
CA ILE A 36 -13.14 8.26 -14.91
C ILE A 36 -13.43 9.75 -14.90
N ILE A 37 -12.37 10.56 -14.91
CA ILE A 37 -12.51 12.00 -14.94
C ILE A 37 -13.32 12.45 -16.15
N ASP A 38 -12.89 12.03 -17.34
CA ASP A 38 -13.52 12.47 -18.58
C ASP A 38 -14.98 12.09 -18.56
N ASN A 39 -15.26 10.85 -18.17
CA ASN A 39 -16.65 10.39 -18.20
C ASN A 39 -17.51 10.98 -17.09
N SER A 40 -16.90 11.35 -15.97
CA SER A 40 -17.61 12.14 -14.91
C SER A 40 -18.15 13.42 -15.48
N LYS A 41 -17.30 14.09 -16.24
CA LYS A 41 -17.66 15.34 -16.89
C LYS A 41 -18.82 15.15 -17.84
N LYS A 42 -18.79 14.07 -18.62
CA LYS A 42 -19.89 13.77 -19.54
C LYS A 42 -21.15 13.34 -18.83
N TYR A 43 -21.04 12.49 -17.81
CA TYR A 43 -22.25 11.81 -17.31
C TYR A 43 -22.57 12.06 -15.85
N GLY A 44 -21.64 12.63 -15.09
CA GLY A 44 -21.93 13.10 -13.73
C GLY A 44 -21.30 12.30 -12.61
N ASP A 45 -21.86 12.45 -11.43
CA ASP A 45 -21.42 11.81 -10.19
C ASP A 45 -21.46 10.28 -10.21
N VAL A 46 -22.34 9.67 -11.03
CA VAL A 46 -22.52 8.22 -11.05
C VAL A 46 -22.73 7.78 -12.50
N PHE A 47 -21.90 6.88 -13.00
CA PHE A 47 -22.09 6.34 -14.37
C PHE A 47 -21.58 4.93 -14.48
N THR A 48 -22.14 4.19 -15.43
CA THR A 48 -21.79 2.81 -15.64
C THR A 48 -21.09 2.59 -16.99
N ALA A 49 -20.06 1.76 -16.96
CA ALA A 49 -19.36 1.29 -18.13
C ALA A 49 -19.28 -0.23 -18.15
N THR A 50 -19.44 -0.81 -19.34
CA THR A 50 -19.12 -2.22 -19.52
C THR A 50 -17.64 -2.28 -19.80
N ILE A 51 -16.93 -3.12 -19.04
CA ILE A 51 -15.51 -3.30 -19.25
C ILE A 51 -15.14 -4.77 -19.17
N LEU A 52 -14.57 -5.31 -20.26
CA LEU A 52 -14.35 -6.75 -20.42
C LEU A 52 -15.45 -7.58 -19.76
N GLY A 53 -16.71 -7.27 -20.09
CA GLY A 53 -17.86 -8.02 -19.62
C GLY A 53 -18.40 -7.63 -18.23
N LYS A 54 -17.69 -6.80 -17.50
CA LYS A 54 -18.13 -6.40 -16.14
C LYS A 54 -18.85 -5.07 -16.18
N GLU A 55 -19.98 -5.02 -15.50
CA GLU A 55 -20.74 -3.81 -15.34
C GLU A 55 -20.14 -3.03 -14.18
N MET A 56 -19.52 -1.90 -14.47
CA MET A 56 -18.76 -1.11 -13.49
C MET A 56 -19.33 0.28 -13.35
N THR A 57 -19.68 0.64 -12.12
CA THR A 57 -20.44 1.85 -11.82
C THR A 57 -19.54 2.72 -10.93
N PHE A 58 -19.13 3.82 -11.52
CA PHE A 58 -18.18 4.69 -10.95
C PHE A 58 -18.89 5.76 -10.12
N LEU A 59 -18.48 5.83 -8.85
CA LEU A 59 -18.98 6.89 -7.93
C LEU A 59 -17.92 8.00 -7.83
N ASN A 60 -18.24 9.19 -8.33
CA ASN A 60 -17.18 10.16 -8.60
C ASN A 60 -17.26 11.44 -7.83
N HIS A 61 -18.06 11.50 -6.77
CA HIS A 61 -17.98 12.65 -5.89
C HIS A 61 -18.00 12.26 -4.42
N PRO A 62 -17.07 12.83 -3.64
CA PRO A 62 -16.96 12.65 -2.17
C PRO A 62 -18.31 12.63 -1.48
N LYS A 63 -19.20 13.54 -1.89
CA LYS A 63 -20.54 13.70 -1.32
C LYS A 63 -21.37 12.43 -1.22
N ILE A 64 -21.22 11.51 -2.19
CA ILE A 64 -22.13 10.34 -2.25
C ILE A 64 -21.58 9.04 -1.67
N LEU A 65 -20.42 9.10 -1.03
CA LEU A 65 -19.67 7.87 -0.72
C LEU A 65 -20.03 7.21 0.60
N ASP A 66 -20.98 7.76 1.37
CA ASP A 66 -21.23 7.23 2.72
C ASP A 66 -21.81 5.83 2.68
N THR A 67 -22.83 5.65 1.84
CA THR A 67 -23.44 4.35 1.60
C THR A 67 -22.46 3.31 1.06
N PHE A 68 -21.41 3.74 0.38
CA PHE A 68 -20.43 2.78 -0.17
C PHE A 68 -19.55 2.23 0.99
N PHE A 69 -19.01 3.17 1.74
CA PHE A 69 -18.02 2.84 2.75
C PHE A 69 -18.63 2.19 4.01
N LYS A 70 -19.92 2.39 4.24
CA LYS A 70 -20.56 1.84 5.43
C LYS A 70 -21.40 0.63 5.14
N ALA A 71 -21.59 0.26 3.88
CA ALA A 71 -22.40 -0.92 3.60
C ALA A 71 -21.81 -2.18 4.25
N THR A 72 -22.65 -3.14 4.56
CA THR A 72 -22.18 -4.42 5.11
C THR A 72 -21.64 -5.27 3.98
N ASP A 73 -20.76 -6.22 4.29
CA ASP A 73 -20.20 -7.07 3.24
C ASP A 73 -21.22 -7.96 2.50
N ASN A 74 -22.36 -8.28 3.12
CA ASN A 74 -23.41 -8.97 2.37
C ASN A 74 -24.20 -8.06 1.39
N GLU A 75 -24.05 -6.75 1.49
CA GLU A 75 -24.57 -5.76 0.51
C GLU A 75 -23.51 -5.39 -0.58
N LEU A 76 -22.31 -4.98 -0.14
CA LEU A 76 -21.14 -4.66 -1.02
C LEU A 76 -19.93 -5.52 -0.63
N SER A 77 -19.65 -6.51 -1.47
CA SER A 77 -18.69 -7.54 -1.20
C SER A 77 -17.32 -7.14 -1.78
N LEU A 78 -16.30 -7.24 -0.93
CA LEU A 78 -14.89 -7.06 -1.30
C LEU A 78 -14.38 -8.39 -1.75
N ARG A 79 -14.83 -9.45 -1.10
CA ARG A 79 -14.35 -10.78 -1.42
C ARG A 79 -14.69 -11.17 -2.89
N ASP A 80 -15.83 -10.73 -3.39
CA ASP A 80 -16.20 -11.06 -4.77
C ASP A 80 -15.26 -10.42 -5.82
N VAL A 81 -14.65 -9.32 -5.46
CA VAL A 81 -13.80 -8.49 -6.41
C VAL A 81 -12.31 -8.61 -6.24
N TYR A 82 -11.82 -9.04 -5.07
CA TYR A 82 -10.39 -9.17 -4.81
C TYR A 82 -9.92 -10.56 -4.66
N ARG A 83 -10.86 -11.48 -4.84
CA ARG A 83 -10.59 -12.88 -4.77
C ARG A 83 -9.51 -13.34 -5.76
N PHE A 84 -9.50 -12.68 -6.91
CA PHE A 84 -8.43 -12.87 -7.93
C PHE A 84 -7.01 -12.96 -7.40
N MET A 85 -6.69 -12.36 -6.22
CA MET A 85 -5.34 -12.45 -5.64
C MET A 85 -5.00 -13.75 -5.04
N ARG A 86 -5.94 -14.68 -5.02
CA ARG A 86 -5.77 -16.00 -4.46
C ARG A 86 -4.51 -16.73 -4.87
N PRO A 87 -4.07 -16.65 -6.15
CA PRO A 87 -2.78 -17.34 -6.47
C PRO A 87 -1.50 -16.67 -5.90
N VAL A 88 -1.62 -15.43 -5.46
CA VAL A 88 -0.54 -14.78 -4.74
C VAL A 88 -0.64 -15.07 -3.22
N PHE A 89 -1.75 -14.69 -2.62
CA PHE A 89 -1.89 -14.85 -1.16
C PHE A 89 -2.06 -16.29 -0.71
N GLY A 90 -2.88 -17.05 -1.43
CA GLY A 90 -3.23 -18.40 -1.01
C GLY A 90 -4.70 -18.67 -0.92
N THR A 91 -5.07 -19.95 -1.06
CA THR A 91 -6.46 -20.42 -0.96
C THR A 91 -6.88 -20.19 0.49
N GLY A 92 -8.03 -19.63 0.72
CA GLY A 92 -8.62 -19.57 2.07
C GLY A 92 -8.16 -18.37 2.91
N VAL A 93 -7.52 -17.40 2.28
CA VAL A 93 -6.82 -16.29 2.95
C VAL A 93 -7.36 -14.95 2.48
N VAL A 94 -7.62 -14.06 3.44
CA VAL A 94 -8.15 -12.71 3.20
C VAL A 94 -9.33 -12.76 2.30
N TYR A 95 -9.24 -12.19 1.08
CA TYR A 95 -10.39 -12.10 0.23
C TYR A 95 -10.80 -13.46 -0.38
N ASP A 96 -10.02 -14.53 -0.13
CA ASP A 96 -10.50 -15.87 -0.42
C ASP A 96 -10.88 -16.61 0.86
N ALA A 97 -10.96 -15.92 2.00
CA ALA A 97 -11.41 -16.56 3.25
C ALA A 97 -12.83 -17.14 3.09
N ASP A 98 -13.16 -18.15 3.89
CA ASP A 98 -14.52 -18.77 3.87
C ASP A 98 -15.68 -17.81 4.07
N SER A 99 -15.43 -16.75 4.83
CA SER A 99 -16.46 -15.79 5.14
C SER A 99 -15.85 -14.43 5.40
N THR A 100 -16.67 -13.40 5.33
CA THR A 100 -16.28 -12.09 5.79
C THR A 100 -15.65 -12.17 7.18
N GLU A 101 -16.25 -12.98 8.06
CA GLU A 101 -15.83 -13.09 9.44
C GLU A 101 -14.42 -13.67 9.57
N ARG A 102 -14.10 -14.66 8.76
CA ARG A 102 -12.79 -15.29 8.83
C ARG A 102 -11.75 -14.28 8.29
N MET A 103 -12.11 -13.55 7.25
CA MET A 103 -11.19 -12.54 6.63
C MET A 103 -10.80 -11.50 7.69
N MET A 104 -11.81 -10.94 8.37
CA MET A 104 -11.59 -9.96 9.43
C MET A 104 -10.72 -10.54 10.52
N GLU A 105 -10.91 -11.77 10.91
CA GLU A 105 -10.02 -12.32 11.91
C GLU A 105 -8.58 -12.45 11.47
N GLN A 106 -8.40 -12.84 10.24
CA GLN A 106 -7.04 -13.01 9.70
C GLN A 106 -6.36 -11.62 9.61
N VAL A 107 -7.09 -10.62 9.17
CA VAL A 107 -6.55 -9.24 9.10
C VAL A 107 -6.11 -8.75 10.47
N LYS A 108 -6.90 -9.07 11.49
CA LYS A 108 -6.46 -8.85 12.86
C LYS A 108 -5.21 -9.54 13.28
N PHE A 109 -4.88 -10.76 12.81
CA PHE A 109 -3.61 -11.30 13.18
C PHE A 109 -2.42 -10.42 12.70
N VAL A 110 -2.54 -9.89 11.50
CA VAL A 110 -1.49 -8.94 11.03
C VAL A 110 -1.50 -7.66 11.89
N SER A 111 -2.68 -7.02 12.03
CA SER A 111 -2.73 -5.80 12.83
C SER A 111 -2.11 -6.02 14.22
N SER A 112 -2.14 -7.26 14.71
CA SER A 112 -1.67 -7.59 16.05
C SER A 112 -0.16 -7.56 16.25
N GLY A 113 0.61 -7.64 15.15
CA GLY A 113 2.05 -7.29 15.19
C GLY A 113 2.48 -5.85 14.91
N LEU A 114 1.52 -4.96 14.79
CA LEU A 114 1.70 -3.55 14.51
C LEU A 114 1.34 -2.67 15.77
N THR A 115 1.98 -3.01 16.82
CA THR A 115 1.75 -2.39 18.09
C THR A 115 2.74 -1.26 18.32
N THR A 116 2.45 -0.38 19.29
CA THR A 116 3.42 0.64 19.69
C THR A 116 4.76 0.05 20.09
N ALA A 117 4.74 -1.01 20.87
CA ALA A 117 5.96 -1.60 21.30
C ALA A 117 6.81 -2.12 20.13
N ARG A 118 6.13 -2.74 19.18
CA ARG A 118 6.85 -3.19 17.99
C ARG A 118 7.33 -1.97 17.16
N PHE A 119 6.52 -0.92 17.05
CA PHE A 119 6.93 0.27 16.32
C PHE A 119 8.26 0.86 16.82
N ARG A 120 8.50 0.87 18.15
CA ARG A 120 9.79 1.32 18.68
C ARG A 120 10.95 0.50 18.12
N VAL A 121 10.77 -0.80 17.94
CA VAL A 121 11.78 -1.69 17.42
C VAL A 121 11.87 -1.47 15.91
N PHE A 122 10.72 -1.17 15.27
CA PHE A 122 10.73 -1.03 13.80
C PHE A 122 11.70 0.13 13.41
N VAL A 123 11.71 1.21 14.23
CA VAL A 123 12.59 2.34 13.93
C VAL A 123 14.04 1.89 13.87
N ASP A 124 14.45 1.03 14.81
CA ASP A 124 15.76 0.50 14.83
C ASP A 124 16.08 -0.37 13.62
N ILE A 125 15.13 -1.16 13.22
CA ILE A 125 15.29 -1.94 11.99
C ILE A 125 15.56 -1.01 10.75
N PHE A 126 14.77 0.04 10.59
CA PHE A 126 14.98 1.01 9.52
C PHE A 126 16.38 1.63 9.55
N GLU A 127 16.84 1.97 10.75
CA GLU A 127 18.16 2.52 10.89
C GLU A 127 19.18 1.48 10.46
N ASP A 128 18.99 0.22 10.85
CA ASP A 128 19.96 -0.84 10.59
C ASP A 128 20.06 -1.19 9.07
N GLU A 129 18.93 -1.31 8.43
CA GLU A 129 18.89 -1.63 7.00
C GLU A 129 19.45 -0.48 6.17
N ILE A 130 19.06 0.77 6.45
CA ILE A 130 19.67 1.92 5.77
C ILE A 130 21.22 1.92 5.94
N ALA A 131 21.71 1.56 7.11
CA ALA A 131 23.15 1.63 7.36
C ALA A 131 23.86 0.61 6.51
N HIS A 132 23.32 -0.60 6.44
CA HIS A 132 23.78 -1.59 5.44
C HIS A 132 23.72 -1.04 4.01
N LYS A 133 22.64 -0.36 3.63
CA LYS A 133 22.48 0.07 2.28
C LYS A 133 23.43 1.16 1.87
N VAL A 134 23.72 2.09 2.78
CA VAL A 134 24.69 3.14 2.44
C VAL A 134 26.07 2.59 2.10
N LYS A 135 26.41 1.38 2.51
CA LYS A 135 27.66 0.77 2.13
C LYS A 135 27.69 0.52 0.59
N GLU A 136 26.57 0.06 0.03
CA GLU A 136 26.42 -0.07 -1.40
C GLU A 136 26.45 1.27 -2.12
N LEU A 137 25.81 2.27 -1.57
CA LEU A 137 25.62 3.50 -2.24
C LEU A 137 26.92 4.32 -2.30
N GLY A 138 27.78 4.18 -1.32
CA GLY A 138 29.01 4.97 -1.27
C GLY A 138 28.83 6.46 -0.98
N PRO A 139 29.97 7.22 -0.98
CA PRO A 139 29.98 8.66 -0.67
C PRO A 139 29.18 9.54 -1.61
N GLU A 140 29.06 9.15 -2.87
CA GLU A 140 28.17 9.87 -3.79
C GLU A 140 27.83 9.05 -5.03
N GLY A 141 26.82 9.47 -5.77
CA GLY A 141 26.38 8.67 -6.88
C GLY A 141 25.06 9.06 -7.43
N THR A 142 24.50 8.13 -8.20
CA THR A 142 23.17 8.27 -8.66
C THR A 142 22.50 6.92 -8.38
N VAL A 143 21.20 6.97 -8.19
CA VAL A 143 20.46 5.77 -7.85
C VAL A 143 19.07 5.98 -8.33
N ASP A 144 18.43 4.86 -8.66
CA ASP A 144 17.04 4.92 -9.03
C ASP A 144 16.17 5.04 -7.72
N VAL A 145 15.29 6.02 -7.63
CA VAL A 145 14.58 6.24 -6.34
C VAL A 145 13.64 5.03 -6.05
N ALA A 146 12.83 4.66 -7.06
CA ALA A 146 11.86 3.57 -6.86
C ALA A 146 12.56 2.30 -6.46
N GLU A 147 13.66 1.93 -7.10
CA GLU A 147 14.40 0.72 -6.72
C GLU A 147 14.98 0.77 -5.35
N LEU A 148 15.55 1.92 -5.00
CA LEU A 148 16.16 2.06 -3.70
C LEU A 148 15.08 1.83 -2.60
N MET A 149 13.91 2.42 -2.78
CA MET A 149 12.88 2.28 -1.76
C MET A 149 12.35 0.83 -1.68
N ALA A 150 12.15 0.19 -2.85
CA ALA A 150 11.67 -1.17 -2.93
C ALA A 150 12.66 -2.06 -2.24
N ASP A 151 13.94 -1.81 -2.45
CA ASP A 151 15.02 -2.67 -1.94
C ASP A 151 15.13 -2.56 -0.42
N LEU A 152 15.09 -1.33 0.06
CA LEU A 152 15.03 -1.09 1.46
C LEU A 152 13.78 -1.79 2.09
N ILE A 153 12.57 -1.58 1.51
CA ILE A 153 11.31 -2.08 2.10
C ILE A 153 11.19 -3.62 2.00
N ILE A 154 11.78 -4.26 0.99
CA ILE A 154 11.94 -5.68 1.07
C ILE A 154 12.56 -6.12 2.40
N PHE A 155 13.65 -5.50 2.81
CA PHE A 155 14.30 -5.95 4.01
C PHE A 155 13.54 -5.42 5.28
N THR A 156 13.02 -4.21 5.22
CA THR A 156 12.45 -3.59 6.48
C THR A 156 11.11 -4.24 6.80
N ALA A 157 10.21 -4.31 5.82
CA ALA A 157 8.90 -4.94 5.98
C ALA A 157 9.02 -6.38 6.42
N SER A 158 9.97 -7.09 5.81
CA SER A 158 10.15 -8.47 6.12
C SER A 158 10.53 -8.71 7.59
N ARG A 159 11.49 -7.94 8.05
CA ARG A 159 12.04 -8.07 9.44
C ARG A 159 11.01 -7.57 10.42
N CYS A 160 10.27 -6.53 10.04
CA CYS A 160 9.22 -5.93 10.91
C CYS A 160 8.09 -6.94 11.14
N LEU A 161 7.71 -7.66 10.11
CA LEU A 161 6.52 -8.54 10.15
C LEU A 161 6.88 -9.95 10.59
N LEU A 162 8.02 -10.44 10.16
CA LEU A 162 8.36 -11.81 10.30
C LEU A 162 9.40 -12.05 11.31
N GLY A 163 10.08 -11.01 11.78
CA GLY A 163 11.18 -11.16 12.66
C GLY A 163 12.52 -11.20 11.98
N ASP A 164 13.58 -11.13 12.78
CA ASP A 164 14.94 -10.94 12.22
C ASP A 164 15.45 -12.22 11.57
N GLU A 165 14.88 -13.34 12.01
CA GLU A 165 15.16 -14.66 11.46
C GLU A 165 14.97 -14.73 9.92
N VAL A 166 14.13 -13.87 9.35
CA VAL A 166 13.90 -13.85 7.91
C VAL A 166 15.09 -13.34 7.13
N ARG A 167 16.00 -12.61 7.78
CA ARG A 167 16.97 -11.84 7.02
C ARG A 167 17.98 -12.75 6.33
N GLN A 168 18.27 -13.88 6.98
CA GLN A 168 19.28 -14.80 6.40
C GLN A 168 18.76 -15.41 5.09
N TYR A 169 17.44 -15.55 4.97
CA TYR A 169 16.85 -15.96 3.70
C TYR A 169 16.97 -14.88 2.65
N LEU A 170 16.81 -13.63 3.07
CA LEU A 170 17.00 -12.54 2.12
C LEU A 170 18.44 -12.50 1.66
N SER A 171 19.36 -12.74 2.58
CA SER A 171 20.74 -12.50 2.26
C SER A 171 21.38 -13.73 1.61
N GLU A 172 20.85 -14.92 1.90
CA GLU A 172 21.48 -16.20 1.46
C GLU A 172 20.62 -17.11 0.59
N LYS A 173 19.31 -16.90 0.51
CA LYS A 173 18.41 -17.80 -0.24
C LYS A 173 17.54 -17.08 -1.26
N ASN A 174 17.99 -15.87 -1.61
CA ASN A 174 17.45 -15.12 -2.69
C ASN A 174 15.98 -14.73 -2.51
N LEU A 175 15.51 -14.59 -1.26
CA LEU A 175 14.08 -14.45 -1.07
C LEU A 175 13.54 -13.20 -1.75
N GLY A 176 14.36 -12.16 -1.81
CA GLY A 176 13.92 -10.95 -2.43
C GLY A 176 13.64 -11.09 -3.93
N LYS A 177 14.46 -11.86 -4.61
CA LYS A 177 14.16 -12.16 -6.04
C LYS A 177 12.84 -12.93 -6.19
N LEU A 178 12.56 -13.84 -5.27
CA LEU A 178 11.30 -14.61 -5.29
C LEU A 178 10.14 -13.68 -5.12
N TYR A 179 10.26 -12.71 -4.18
CA TYR A 179 9.17 -11.72 -4.06
C TYR A 179 8.83 -11.04 -5.41
N HIS A 180 9.87 -10.56 -6.09
CA HIS A 180 9.74 -9.91 -7.41
C HIS A 180 9.08 -10.85 -8.40
N ASP A 181 9.56 -12.09 -8.43
CA ASP A 181 8.93 -13.13 -9.34
C ASP A 181 7.44 -13.28 -9.08
N ILE A 182 7.08 -13.36 -7.82
CA ILE A 182 5.67 -13.36 -7.51
C ILE A 182 5.03 -12.05 -7.92
N ASP A 183 5.66 -10.93 -7.57
CA ASP A 183 4.92 -9.67 -7.67
C ASP A 183 4.91 -9.00 -9.06
N ASP A 184 5.92 -9.24 -9.88
CA ASP A 184 5.78 -8.91 -11.33
C ASP A 184 4.85 -9.89 -12.05
N GLY A 185 4.54 -11.02 -11.43
CA GLY A 185 3.58 -11.98 -11.99
C GLY A 185 2.12 -11.62 -11.84
N ILE A 186 1.85 -10.45 -11.30
CA ILE A 186 0.50 -10.00 -11.04
C ILE A 186 0.20 -8.89 -12.02
N SER A 187 -0.74 -9.14 -12.92
CA SER A 187 -1.16 -8.13 -13.87
C SER A 187 -2.49 -7.58 -13.39
N PRO A 188 -2.74 -6.27 -13.59
CA PRO A 188 -4.08 -5.77 -13.27
C PRO A 188 -5.17 -6.46 -14.09
N LEU A 189 -4.79 -7.06 -15.22
CA LEU A 189 -5.78 -7.76 -16.03
C LEU A 189 -6.42 -8.96 -15.30
N SER A 190 -5.66 -9.53 -14.36
CA SER A 190 -6.12 -10.62 -13.54
C SER A 190 -7.42 -10.34 -12.83
N PHE A 191 -7.71 -9.05 -12.63
CA PHE A 191 -8.98 -8.61 -12.02
C PHE A 191 -10.13 -9.04 -12.88
N PHE A 192 -9.94 -9.00 -14.20
CA PHE A 192 -10.99 -9.43 -15.14
C PHE A 192 -10.91 -10.88 -15.53
N TYR A 193 -9.71 -11.44 -15.56
CA TYR A 193 -9.44 -12.81 -15.89
C TYR A 193 -8.61 -13.45 -14.82
N PRO A 194 -9.26 -13.96 -13.76
CA PRO A 194 -8.42 -14.43 -12.65
C PRO A 194 -7.65 -15.68 -13.00
N SER A 195 -8.08 -16.41 -14.03
CA SER A 195 -7.35 -17.62 -14.41
C SER A 195 -6.17 -17.47 -15.38
N LEU A 196 -5.78 -16.24 -15.74
CA LEU A 196 -4.62 -16.07 -16.59
C LEU A 196 -3.42 -16.87 -16.09
N PRO A 197 -2.86 -17.77 -16.93
CA PRO A 197 -1.70 -18.50 -16.43
C PRO A 197 -0.53 -17.58 -16.11
N ALA A 198 0.26 -17.98 -15.12
CA ALA A 198 1.40 -17.20 -14.66
C ALA A 198 2.33 -18.20 -14.04
N PRO A 199 2.94 -19.04 -14.86
CA PRO A 199 3.72 -20.10 -14.26
C PRO A 199 4.96 -19.71 -13.44
N LYS A 200 5.66 -18.66 -13.85
CA LYS A 200 6.84 -18.19 -13.11
C LYS A 200 6.39 -17.72 -11.69
N ARG A 201 5.30 -17.00 -11.67
CA ARG A 201 4.68 -16.55 -10.39
C ARG A 201 4.42 -17.75 -9.49
N ASP A 202 3.77 -18.77 -10.06
CA ASP A 202 3.42 -19.92 -9.27
C ASP A 202 4.60 -20.68 -8.77
N LYS A 203 5.65 -20.84 -9.60
CA LYS A 203 6.89 -21.45 -9.13
C LYS A 203 7.50 -20.68 -7.90
N ALA A 204 7.64 -19.38 -8.07
CA ALA A 204 8.16 -18.53 -6.98
C ALA A 204 7.26 -18.61 -5.70
N ARG A 205 5.96 -18.52 -5.87
CA ARG A 205 5.03 -18.60 -4.71
C ARG A 205 5.20 -19.91 -3.92
N LYS A 206 5.40 -20.99 -4.66
CA LYS A 206 5.70 -22.26 -4.05
C LYS A 206 7.03 -22.22 -3.32
N ALA A 207 8.03 -21.57 -3.90
CA ALA A 207 9.34 -21.50 -3.25
C ALA A 207 9.24 -20.69 -1.92
N VAL A 208 8.42 -19.66 -1.94
CA VAL A 208 8.39 -18.73 -0.78
C VAL A 208 7.59 -19.49 0.30
N GLY A 209 6.58 -20.20 -0.15
CA GLY A 209 5.84 -21.13 0.67
C GLY A 209 6.75 -22.06 1.40
N GLU A 210 7.74 -22.64 0.73
CA GLU A 210 8.64 -23.62 1.38
C GLU A 210 9.51 -22.92 2.41
N ILE A 211 10.00 -21.75 2.06
CA ILE A 211 10.84 -20.98 2.98
C ILE A 211 10.08 -20.56 4.24
N PHE A 212 8.88 -20.06 4.04
CA PHE A 212 8.02 -19.65 5.14
C PHE A 212 7.56 -20.85 5.99
N GLN A 213 7.40 -22.01 5.36
CA GLN A 213 7.13 -23.22 6.14
C GLN A 213 8.31 -23.49 7.08
N GLU A 214 9.52 -23.39 6.53
CA GLU A 214 10.71 -23.60 7.33
C GLU A 214 10.85 -22.55 8.45
N LEU A 215 10.46 -21.32 8.17
CA LEU A 215 10.52 -20.27 9.18
C LEU A 215 9.54 -20.58 10.34
N LEU A 216 8.35 -21.05 10.02
CA LEU A 216 7.38 -21.47 11.02
C LEU A 216 7.94 -22.62 11.87
N ASP A 217 8.42 -23.68 11.20
CA ASP A 217 9.00 -24.85 11.87
C ASP A 217 10.11 -24.42 12.81
N LYS A 218 11.06 -23.61 12.32
CA LYS A 218 12.13 -23.11 13.18
C LYS A 218 11.55 -22.27 14.35
N ARG A 219 10.56 -21.41 14.12
CA ARG A 219 10.06 -20.59 15.24
C ARG A 219 9.41 -21.46 16.33
N ARG A 220 8.77 -22.54 15.92
CA ARG A 220 8.06 -23.41 16.84
C ARG A 220 9.02 -23.91 17.92
N GLU A 221 10.13 -24.50 17.49
CA GLU A 221 11.12 -25.00 18.44
C GLU A 221 11.91 -23.91 19.17
N GLU A 222 12.07 -22.73 18.56
CA GLU A 222 12.55 -21.54 19.29
C GLU A 222 11.62 -21.09 20.46
N HIS A 223 10.31 -21.23 20.25
CA HIS A 223 9.31 -20.99 21.29
C HIS A 223 9.52 -21.98 22.46
N LYS A 224 9.93 -23.22 22.15
CA LYS A 224 10.31 -24.22 23.16
C LYS A 224 11.58 -23.85 23.89
N LYS A 225 12.65 -23.59 23.14
CA LYS A 225 13.92 -23.17 23.72
C LYS A 225 13.81 -21.84 24.49
N HIS A 226 13.01 -20.89 24.02
CA HIS A 226 12.96 -19.55 24.64
C HIS A 226 11.55 -18.97 24.77
N PRO A 227 10.70 -19.62 25.59
CA PRO A 227 9.31 -19.22 25.74
C PRO A 227 9.11 -17.82 26.31
N GLU A 228 10.17 -17.23 26.85
CA GLU A 228 10.11 -15.84 27.33
C GLU A 228 9.82 -14.88 26.19
N ARG A 229 10.18 -15.25 24.95
CA ARG A 229 9.86 -14.44 23.78
C ARG A 229 8.36 -14.11 23.76
N LEU A 230 7.53 -15.11 24.06
CA LEU A 230 6.08 -15.00 24.03
C LEU A 230 5.57 -14.05 25.07
N LEU A 231 6.44 -13.66 26.00
CA LEU A 231 6.04 -12.71 27.05
C LEU A 231 6.61 -11.28 26.86
N ASP A 232 7.30 -11.05 25.75
CA ASP A 232 7.94 -9.76 25.48
C ASP A 232 7.29 -9.11 24.27
N GLU A 233 6.47 -8.07 24.49
CA GLU A 233 5.71 -7.42 23.42
C GLU A 233 6.58 -6.72 22.36
N SER A 234 7.81 -6.44 22.70
CA SER A 234 8.72 -5.80 21.78
C SER A 234 9.32 -6.81 20.81
N LYS A 235 9.26 -8.09 21.13
CA LYS A 235 9.90 -9.15 20.29
C LYS A 235 8.87 -9.99 19.54
N MET A 236 7.60 -9.86 19.93
CA MET A 236 6.52 -10.61 19.30
C MET A 236 6.15 -10.10 17.92
N ASP A 237 6.35 -10.91 16.90
CA ASP A 237 5.95 -10.52 15.57
C ASP A 237 4.73 -11.26 14.99
N VAL A 238 4.40 -11.01 13.70
CA VAL A 238 3.23 -11.65 13.15
C VAL A 238 3.35 -13.18 13.12
N VAL A 239 4.54 -13.71 12.88
CA VAL A 239 4.76 -15.14 12.88
C VAL A 239 4.39 -15.69 14.28
N ASP A 240 4.85 -14.98 15.30
CA ASP A 240 4.56 -15.43 16.71
C ASP A 240 3.11 -15.43 17.02
N HIS A 241 2.37 -14.41 16.55
CA HIS A 241 0.95 -14.30 16.80
C HIS A 241 0.19 -15.43 16.04
N LEU A 242 0.55 -15.63 14.78
CA LEU A 242 -0.01 -16.75 14.03
C LEU A 242 0.25 -18.14 14.63
N LEU A 243 1.38 -18.33 15.27
CA LEU A 243 1.71 -19.60 15.89
C LEU A 243 0.99 -19.88 17.22
N THR A 244 0.36 -18.87 17.81
CA THR A 244 -0.14 -18.97 19.16
C THR A 244 -1.58 -18.53 19.31
N GLN A 245 -2.24 -18.20 18.20
CA GLN A 245 -3.63 -17.78 18.22
C GLN A 245 -4.45 -18.80 17.52
N LYS A 246 -5.78 -18.72 17.71
CA LYS A 246 -6.75 -19.62 17.11
C LYS A 246 -7.81 -18.69 16.60
N TYR A 247 -8.74 -19.17 15.76
CA TYR A 247 -9.88 -18.35 15.42
C TYR A 247 -10.72 -18.17 16.70
N LYS A 248 -11.66 -17.23 16.70
CA LYS A 248 -12.50 -16.97 17.90
C LYS A 248 -13.29 -18.24 18.28
N ASP A 249 -13.82 -18.95 17.29
CA ASP A 249 -14.60 -20.18 17.54
C ASP A 249 -13.82 -21.37 17.99
N GLY A 250 -12.50 -21.23 18.17
CA GLY A 250 -11.62 -22.28 18.65
C GLY A 250 -10.96 -23.14 17.55
N GLN A 251 -11.37 -22.99 16.27
CA GLN A 251 -10.67 -23.74 15.16
C GLN A 251 -9.26 -23.25 15.02
N GLU A 252 -8.30 -24.19 14.97
CA GLU A 252 -6.91 -23.87 14.79
C GLU A 252 -6.67 -23.41 13.34
N LEU A 253 -5.62 -22.65 13.13
CA LEU A 253 -5.17 -22.23 11.82
C LEU A 253 -4.35 -23.33 11.23
N THR A 254 -4.37 -23.44 9.93
CA THR A 254 -3.42 -24.30 9.21
C THR A 254 -2.16 -23.50 8.86
N ASP A 255 -1.05 -24.19 8.71
CA ASP A 255 0.18 -23.59 8.33
C ASP A 255 0.13 -22.96 6.93
N VAL A 256 -0.70 -23.53 6.08
CA VAL A 256 -1.00 -22.99 4.78
C VAL A 256 -1.70 -21.65 4.90
N HIS A 257 -2.67 -21.55 5.81
CA HIS A 257 -3.32 -20.28 6.12
C HIS A 257 -2.24 -19.30 6.68
N ARG A 258 -1.35 -19.77 7.55
CA ARG A 258 -0.37 -18.83 8.21
C ARG A 258 0.59 -18.27 7.15
N ILE A 259 1.03 -19.15 6.26
CA ILE A 259 1.92 -18.75 5.15
C ILE A 259 1.22 -17.73 4.28
N GLY A 260 -0.04 -17.95 3.97
CA GLY A 260 -0.77 -17.04 3.09
C GLY A 260 -1.02 -15.68 3.70
N ILE A 261 -1.39 -15.68 4.97
CA ILE A 261 -1.48 -14.42 5.73
C ILE A 261 -0.15 -13.61 5.77
N LEU A 262 0.97 -14.23 6.06
CA LEU A 262 2.23 -13.56 5.99
C LEU A 262 2.51 -12.98 4.60
N ILE A 263 2.19 -13.69 3.52
CA ILE A 263 2.49 -13.25 2.15
C ILE A 263 1.59 -12.10 1.84
N ALA A 264 0.36 -12.20 2.26
CA ALA A 264 -0.63 -11.10 2.05
C ALA A 264 -0.15 -9.81 2.80
N GLY A 265 0.27 -10.01 4.05
CA GLY A 265 0.83 -8.95 4.95
C GLY A 265 2.06 -8.25 4.32
N LEU A 266 2.98 -9.08 3.79
CA LEU A 266 4.19 -8.56 3.15
C LEU A 266 3.91 -7.81 1.90
N PHE A 267 3.02 -8.36 1.08
CA PHE A 267 2.54 -7.69 -0.11
C PHE A 267 1.99 -6.31 0.22
N ALA A 268 1.09 -6.26 1.19
CA ALA A 268 0.55 -5.00 1.70
C ALA A 268 1.62 -4.02 2.26
N GLY A 269 2.62 -4.57 2.95
CA GLY A 269 3.64 -3.88 3.69
C GLY A 269 4.73 -3.29 2.84
N GLN A 270 4.71 -3.66 1.54
CA GLN A 270 5.78 -3.30 0.66
C GLN A 270 5.43 -2.30 -0.37
N HIS A 271 4.47 -2.61 -1.24
CA HIS A 271 4.34 -1.87 -2.53
C HIS A 271 3.79 -0.48 -2.39
N THR A 272 2.67 -0.37 -1.67
CA THR A 272 2.07 0.93 -1.41
C THR A 272 3.07 1.84 -0.66
N SER A 273 3.87 1.30 0.26
CA SER A 273 4.86 2.06 0.97
C SER A 273 6.04 2.47 0.11
N SER A 274 6.67 1.54 -0.62
CA SER A 274 7.85 1.92 -1.46
C SER A 274 7.46 2.97 -2.50
N ILE A 275 6.31 2.85 -3.11
CA ILE A 275 5.80 3.80 -4.07
C ILE A 275 5.52 5.18 -3.47
N THR A 276 4.87 5.16 -2.31
CA THR A 276 4.62 6.43 -1.57
C THR A 276 5.92 7.12 -1.12
N SER A 277 6.92 6.38 -0.62
N SER A 277 6.91 6.36 -0.63
CA SER A 277 8.18 6.99 -0.22
CA SER A 277 8.18 6.91 -0.22
C SER A 277 8.95 7.55 -1.41
C SER A 277 8.94 7.52 -1.39
N SER A 278 8.92 6.83 -2.53
CA SER A 278 9.36 7.41 -3.83
C SER A 278 8.69 8.74 -4.22
N TRP A 279 7.38 8.81 -4.30
CA TRP A 279 6.75 10.02 -4.74
C TRP A 279 7.00 11.10 -3.71
N THR A 280 6.98 10.70 -2.42
CA THR A 280 7.25 11.70 -1.35
C THR A 280 8.68 12.30 -1.47
N LEU A 281 9.76 11.48 -1.44
CA LEU A 281 11.04 11.94 -1.56
C LEU A 281 11.27 12.80 -2.80
N MET A 282 10.79 12.32 -3.96
CA MET A 282 11.01 13.07 -5.20
C MET A 282 10.44 14.49 -5.09
N ASN A 283 9.25 14.62 -4.50
CA ASN A 283 8.61 15.89 -4.45
C ASN A 283 9.23 16.78 -3.41
N VAL A 284 9.67 16.19 -2.30
CA VAL A 284 10.39 16.94 -1.28
C VAL A 284 11.70 17.53 -1.86
N ILE A 285 12.62 16.69 -2.39
CA ILE A 285 13.90 17.18 -2.88
C ILE A 285 13.90 18.10 -4.12
N SER A 286 12.76 18.18 -4.79
N SER A 286 12.77 18.19 -4.81
CA SER A 286 12.55 18.94 -6.01
CA SER A 286 12.66 19.02 -6.01
C SER A 286 11.92 20.31 -5.73
C SER A 286 11.77 20.24 -5.76
N ASN A 287 11.56 20.57 -4.49
CA ASN A 287 10.84 21.79 -4.15
C ASN A 287 11.62 22.46 -3.03
N LYS A 288 12.28 23.58 -3.35
CA LYS A 288 13.24 24.15 -2.39
C LYS A 288 12.57 24.53 -1.08
N LYS A 289 11.42 25.17 -1.15
CA LYS A 289 10.71 25.60 0.05
C LYS A 289 10.31 24.40 0.96
N VAL A 290 9.84 23.34 0.31
CA VAL A 290 9.42 22.15 1.02
C VAL A 290 10.59 21.48 1.60
N LEU A 291 11.71 21.38 0.88
CA LEU A 291 12.88 20.75 1.47
C LEU A 291 13.43 21.47 2.73
N GLU A 292 13.38 22.80 2.64
CA GLU A 292 13.84 23.68 3.75
C GLU A 292 13.05 23.38 5.01
N LYS A 293 11.75 23.34 4.88
CA LYS A 293 10.89 23.11 6.00
C LYS A 293 11.07 21.71 6.55
N VAL A 294 11.30 20.73 5.68
CA VAL A 294 11.40 19.36 6.11
C VAL A 294 12.67 19.27 6.87
N ARG A 295 13.73 19.94 6.42
CA ARG A 295 15.00 19.78 7.09
C ARG A 295 15.04 20.56 8.42
N LYS A 296 14.33 21.64 8.42
CA LYS A 296 14.25 22.48 9.67
C LYS A 296 13.54 21.64 10.73
N GLU A 297 12.41 21.05 10.35
CA GLU A 297 11.74 20.12 11.24
C GLU A 297 12.66 19.02 11.69
N GLN A 298 13.37 18.34 10.76
CA GLN A 298 14.29 17.30 11.19
C GLN A 298 15.34 17.75 12.19
N GLU A 299 15.92 18.92 11.97
CA GLU A 299 17.02 19.36 12.80
C GLU A 299 16.50 19.69 14.22
N GLU A 300 15.30 20.23 14.31
CA GLU A 300 14.65 20.53 15.60
C GLU A 300 14.37 19.23 16.38
N ILE A 301 13.82 18.23 15.70
CA ILE A 301 13.39 16.99 16.37
C ILE A 301 14.62 16.20 16.75
N MET A 302 15.60 16.15 15.87
CA MET A 302 16.81 15.33 16.17
C MET A 302 17.65 15.89 17.32
N GLY A 303 17.75 17.20 17.38
CA GLY A 303 18.65 17.84 18.38
C GLY A 303 20.04 17.24 18.46
N SER A 304 20.47 16.79 19.64
CA SER A 304 21.85 16.23 19.74
C SER A 304 21.96 14.74 19.49
N ASP A 305 20.83 14.07 19.26
CA ASP A 305 20.84 12.65 19.07
C ASP A 305 21.24 12.39 17.63
N LYS A 306 21.80 11.23 17.41
CA LYS A 306 22.37 10.84 16.15
C LYS A 306 21.53 9.82 15.35
N VAL A 307 20.55 9.22 16.03
CA VAL A 307 19.66 8.18 15.42
C VAL A 307 18.18 8.43 15.79
N LEU A 308 17.30 7.82 15.03
CA LEU A 308 15.89 8.03 15.18
C LEU A 308 15.35 7.16 16.34
N ASP A 309 14.18 7.55 16.82
CA ASP A 309 13.29 6.68 17.66
C ASP A 309 11.88 7.02 17.34
N TYR A 310 10.94 6.17 17.85
CA TYR A 310 9.57 6.37 17.59
C TYR A 310 9.02 7.71 17.96
N ASP A 311 9.45 8.23 19.13
CA ASP A 311 8.86 9.51 19.56
C ASP A 311 9.23 10.64 18.62
N LYS A 312 10.44 10.56 18.12
CA LYS A 312 10.89 11.55 17.08
C LYS A 312 10.04 11.50 15.86
N VAL A 313 9.70 10.28 15.39
CA VAL A 313 8.90 10.15 14.15
C VAL A 313 7.54 10.69 14.30
N MET A 314 6.98 10.50 15.52
CA MET A 314 5.70 11.00 15.86
C MET A 314 5.60 12.50 15.86
N LYS A 315 6.70 13.20 15.92
CA LYS A 315 6.69 14.65 15.89
C LYS A 315 6.86 15.28 14.47
N MET A 316 6.97 14.41 13.45
CA MET A 316 7.34 14.86 12.08
C MET A 316 6.16 15.23 11.29
N ASP A 317 5.45 16.24 11.75
CA ASP A 317 4.18 16.54 11.23
C ASP A 317 4.20 17.07 9.81
N TYR A 318 5.16 17.90 9.56
CA TYR A 318 5.32 18.47 8.22
C TYR A 318 5.73 17.35 7.22
N LEU A 319 6.68 16.51 7.60
CA LEU A 319 7.03 15.40 6.74
C LEU A 319 5.83 14.47 6.49
N GLU A 320 4.93 14.32 7.49
CA GLU A 320 3.80 13.52 7.34
C GLU A 320 2.91 14.17 6.37
N ALA A 321 2.77 15.52 6.44
CA ALA A 321 1.90 16.22 5.49
C ALA A 321 2.37 16.02 4.01
N CYS A 322 3.69 15.98 3.84
CA CYS A 322 4.32 15.78 2.55
C CYS A 322 3.87 14.39 2.02
N MET A 323 3.95 13.38 2.88
CA MET A 323 3.41 12.05 2.51
C MET A 323 1.94 12.05 2.14
N LYS A 324 1.08 12.69 2.93
CA LYS A 324 -0.32 12.80 2.61
C LYS A 324 -0.59 13.52 1.32
N GLU A 325 0.24 14.51 1.01
CA GLU A 325 0.07 15.25 -0.21
C GLU A 325 0.48 14.36 -1.39
N ALA A 326 1.52 13.55 -1.26
CA ALA A 326 1.84 12.60 -2.32
C ALA A 326 0.72 11.57 -2.50
N LEU A 327 0.09 11.19 -1.39
CA LEU A 327 -1.03 10.28 -1.42
C LEU A 327 -2.23 10.87 -2.09
N ARG A 328 -2.39 12.18 -2.00
CA ARG A 328 -3.49 12.86 -2.69
C ARG A 328 -3.27 12.78 -4.20
N MET A 329 -2.04 13.08 -4.59
CA MET A 329 -1.63 13.23 -5.99
C MET A 329 -1.44 11.89 -6.67
N TYR A 330 -0.83 10.93 -5.98
CA TYR A 330 -0.41 9.64 -6.58
C TYR A 330 -0.81 8.42 -5.70
N PRO A 331 -2.06 8.35 -5.32
CA PRO A 331 -2.44 7.22 -4.42
C PRO A 331 -2.17 5.89 -5.11
N PRO A 332 -1.50 4.96 -4.41
CA PRO A 332 -1.04 3.76 -5.14
C PRO A 332 -2.15 2.78 -5.49
N LEU A 333 -3.23 2.81 -4.71
CA LEU A 333 -4.40 2.01 -5.00
C LEU A 333 -5.37 2.98 -5.58
N ILE A 334 -5.54 2.89 -6.91
CA ILE A 334 -6.30 3.93 -7.62
C ILE A 334 -7.78 3.70 -7.70
N MET A 335 -8.19 2.48 -7.43
CA MET A 335 -9.58 2.06 -7.50
C MET A 335 -9.95 1.12 -6.30
N ILE A 336 -10.89 1.58 -5.48
CA ILE A 336 -11.48 0.81 -4.42
C ILE A 336 -12.78 0.20 -4.96
N MET A 337 -12.89 -1.12 -4.89
CA MET A 337 -14.10 -1.76 -5.39
C MET A 337 -14.89 -2.68 -4.49
N ARG A 338 -16.16 -2.78 -4.81
CA ARG A 338 -17.04 -3.84 -4.29
C ARG A 338 -18.06 -4.35 -5.29
N MET A 339 -18.44 -5.61 -5.19
CA MET A 339 -19.61 -6.10 -5.94
C MET A 339 -20.94 -5.96 -5.21
N ALA A 340 -21.93 -5.42 -5.91
CA ALA A 340 -23.25 -5.29 -5.33
C ALA A 340 -23.94 -6.65 -5.32
N ARG A 341 -24.21 -7.14 -4.11
CA ARG A 341 -24.89 -8.42 -3.92
C ARG A 341 -26.40 -8.25 -3.87
N LYS A 342 -26.83 -7.02 -3.61
CA LYS A 342 -28.24 -6.60 -3.71
C LYS A 342 -28.24 -5.31 -4.53
N PRO A 343 -29.39 -4.95 -5.12
CA PRO A 343 -29.44 -3.61 -5.71
C PRO A 343 -29.21 -2.51 -4.68
N ARG A 344 -28.65 -1.40 -5.10
CA ARG A 344 -28.19 -0.34 -4.23
C ARG A 344 -28.72 0.99 -4.72
N GLU A 345 -29.44 1.73 -3.87
CA GLU A 345 -29.79 3.12 -4.20
C GLU A 345 -28.57 4.03 -4.08
N GLU A 347 -28.09 8.15 -4.86
CA GLU A 347 -28.88 9.32 -5.26
C GLU A 347 -30.22 8.87 -5.89
N GLN A 348 -30.61 9.53 -6.98
CA GLN A 348 -31.78 9.16 -7.76
C GLN A 348 -31.71 7.79 -8.45
N TYR A 349 -30.56 7.11 -8.40
CA TYR A 349 -30.37 5.88 -9.16
C TYR A 349 -30.49 4.62 -8.31
N ILE A 350 -30.77 3.50 -8.97
CA ILE A 350 -30.61 2.17 -8.42
C ILE A 350 -29.50 1.50 -9.22
N ILE A 351 -28.52 0.95 -8.50
CA ILE A 351 -27.41 0.30 -9.13
C ILE A 351 -27.70 -1.18 -9.04
N PRO A 352 -27.76 -1.86 -10.18
CA PRO A 352 -28.16 -3.26 -10.24
C PRO A 352 -27.25 -4.21 -9.50
N LYS A 353 -27.85 -5.30 -8.99
CA LYS A 353 -27.11 -6.43 -8.44
C LYS A 353 -26.15 -6.99 -9.45
N GLY A 354 -24.99 -7.43 -9.00
CA GLY A 354 -23.90 -7.81 -9.89
C GLY A 354 -23.02 -6.67 -10.40
N ASN A 355 -23.44 -5.41 -10.34
CA ASN A 355 -22.53 -4.33 -10.75
C ASN A 355 -21.39 -4.15 -9.75
N ILE A 356 -20.24 -3.71 -10.20
CA ILE A 356 -19.11 -3.41 -9.34
C ILE A 356 -19.04 -1.93 -9.10
N LEU A 357 -19.15 -1.50 -7.84
CA LEU A 357 -19.06 -0.08 -7.52
C LEU A 357 -17.64 0.34 -7.36
N VAL A 358 -17.28 1.50 -7.89
CA VAL A 358 -15.91 1.95 -7.90
C VAL A 358 -15.75 3.36 -7.30
N VAL A 359 -14.81 3.47 -6.37
CA VAL A 359 -14.35 4.73 -5.82
C VAL A 359 -12.87 4.90 -6.14
N SER A 360 -12.47 6.07 -6.66
CA SER A 360 -11.07 6.32 -6.99
C SER A 360 -10.41 7.43 -6.12
N PRO A 361 -9.47 7.04 -5.23
CA PRO A 361 -8.63 8.00 -4.50
C PRO A 361 -7.88 8.97 -5.46
N SER A 362 -7.58 8.52 -6.68
CA SER A 362 -6.85 9.32 -7.64
C SER A 362 -7.75 10.43 -8.16
N VAL A 363 -8.99 10.08 -8.50
CA VAL A 363 -9.96 11.08 -9.02
C VAL A 363 -10.28 12.09 -7.93
N ALA A 364 -10.55 11.58 -6.73
CA ALA A 364 -10.82 12.43 -5.56
C ALA A 364 -9.73 13.48 -5.36
N GLY A 365 -8.46 13.10 -5.53
CA GLY A 365 -7.34 13.98 -5.22
C GLY A 365 -7.13 15.09 -6.22
N ARG A 366 -7.80 14.98 -7.38
CA ARG A 366 -7.75 16.02 -8.41
C ARG A 366 -9.07 16.77 -8.48
N THR A 368 -11.53 19.44 -8.17
CA THR A 368 -11.27 20.89 -7.90
C THR A 368 -12.31 21.56 -6.97
N ASP A 369 -13.37 20.83 -6.63
CA ASP A 369 -14.27 21.23 -5.55
C ASP A 369 -13.60 21.12 -4.18
N THR A 370 -12.64 20.19 -4.06
CA THR A 370 -11.88 19.99 -2.85
C THR A 370 -10.54 20.72 -2.96
N TYR A 371 -9.79 20.54 -4.05
CA TYR A 371 -8.42 21.02 -4.04
C TYR A 371 -8.19 22.11 -5.05
N THR A 372 -7.53 23.18 -4.62
CA THR A 372 -7.16 24.28 -5.49
C THR A 372 -5.80 23.99 -6.06
N ASN A 373 -5.64 24.28 -7.34
CA ASN A 373 -4.49 23.87 -8.11
C ASN A 373 -4.00 22.44 -7.84
N PRO A 374 -4.84 21.44 -8.12
CA PRO A 374 -4.55 20.04 -7.70
C PRO A 374 -3.33 19.39 -8.32
N ASP A 375 -2.83 19.96 -9.42
CA ASP A 375 -1.62 19.46 -10.00
C ASP A 375 -0.37 19.93 -9.31
N VAL A 376 -0.50 20.80 -8.32
CA VAL A 376 0.68 21.29 -7.60
C VAL A 376 0.84 20.56 -6.28
N PHE A 377 2.05 20.08 -6.03
CA PHE A 377 2.41 19.50 -4.77
C PHE A 377 2.55 20.64 -3.75
N ASP A 378 1.66 20.68 -2.76
CA ASP A 378 1.65 21.82 -1.81
C ASP A 378 1.20 21.28 -0.46
N PRO A 379 2.14 20.82 0.38
CA PRO A 379 1.69 20.19 1.63
C PRO A 379 0.82 21.15 2.50
N GLU A 380 0.96 22.46 2.29
CA GLU A 380 0.30 23.46 3.14
C GLU A 380 -1.18 23.54 2.83
N ARG A 381 -1.61 22.96 1.71
CA ARG A 381 -3.04 22.84 1.39
C ARG A 381 -3.79 21.98 2.40
N LEU A 382 -3.05 21.10 3.04
CA LEU A 382 -3.60 20.20 4.04
C LEU A 382 -3.38 20.81 5.42
N THR A 383 -2.16 21.26 5.70
CA THR A 383 -1.79 21.70 7.05
C THR A 383 -2.39 23.07 7.41
N GLU A 384 -2.46 23.98 6.45
CA GLU A 384 -3.01 25.33 6.73
C GLU A 384 -4.40 25.53 6.16
N ARG A 385 -4.61 25.16 4.90
CA ARG A 385 -5.91 25.34 4.26
C ARG A 385 -6.88 24.21 4.55
N LYS A 386 -6.41 23.10 5.11
CA LYS A 386 -7.29 21.97 5.49
C LYS A 386 -8.21 21.52 4.37
N GLU A 387 -7.75 21.58 3.13
CA GLU A 387 -8.67 21.34 2.01
C GLU A 387 -9.31 19.94 2.06
N HIS A 388 -8.59 18.95 2.62
CA HIS A 388 -9.10 17.59 2.82
C HIS A 388 -10.36 17.49 3.66
N GLU A 389 -10.54 18.45 4.56
CA GLU A 389 -11.65 18.44 5.50
C GLU A 389 -12.95 18.98 4.92
N LYS A 390 -12.94 19.46 3.68
CA LYS A 390 -14.17 20.00 3.09
C LYS A 390 -15.27 18.92 2.97
N PHE A 391 -14.92 17.64 2.76
CA PHE A 391 -15.92 16.55 2.75
C PHE A 391 -15.44 15.41 3.62
N LYS A 392 -16.35 14.64 4.20
CA LYS A 392 -15.97 13.53 5.05
C LYS A 392 -15.07 12.53 4.30
N TYR A 393 -15.34 12.35 3.01
CA TYR A 393 -14.55 11.46 2.18
C TYR A 393 -13.72 12.21 1.13
N GLY A 394 -13.27 13.42 1.45
CA GLY A 394 -12.42 14.17 0.53
C GLY A 394 -11.09 13.53 0.19
N ALA A 395 -10.54 12.78 1.14
CA ALA A 395 -9.25 12.14 0.97
C ALA A 395 -9.39 10.73 1.48
N VAL A 396 -9.19 9.74 0.62
CA VAL A 396 -9.41 8.37 1.02
C VAL A 396 -8.31 7.41 0.52
N PRO A 397 -7.05 7.85 0.54
CA PRO A 397 -5.91 7.04 0.05
C PRO A 397 -5.80 5.76 0.81
N PHE A 398 -6.30 5.74 2.06
CA PHE A 398 -6.24 4.53 2.87
C PHE A 398 -7.62 3.90 3.02
N GLY A 399 -8.62 4.40 2.32
CA GLY A 399 -9.87 3.77 2.43
C GLY A 399 -10.65 4.56 3.49
N ALA A 400 -11.72 3.93 3.94
CA ALA A 400 -12.56 4.49 4.96
C ALA A 400 -13.56 3.45 5.40
N GLY A 401 -14.16 3.69 6.56
CA GLY A 401 -15.13 2.77 7.03
C GLY A 401 -14.63 1.43 7.49
N ARG A 402 -15.48 0.44 7.34
CA ARG A 402 -15.25 -0.87 7.89
C ARG A 402 -13.98 -1.51 7.38
N HIS A 403 -13.60 -1.18 6.14
CA HIS A 403 -12.38 -1.81 5.58
C HIS A 403 -11.16 -0.91 5.45
N LYS A 404 -11.18 0.19 6.18
CA LYS A 404 -10.08 1.13 6.15
C LYS A 404 -8.74 0.42 6.43
N CYS A 405 -7.65 0.91 5.81
CA CYS A 405 -6.35 0.26 5.91
C CYS A 405 -5.92 0.10 7.34
N ILE A 406 -5.58 -1.10 7.72
CA ILE A 406 -5.09 -1.38 9.07
C ILE A 406 -3.61 -1.10 9.20
N GLY A 407 -2.94 -0.86 8.07
CA GLY A 407 -1.53 -0.59 7.99
C GLY A 407 -1.16 0.88 8.03
N GLU A 408 -2.12 1.76 8.14
CA GLU A 408 -1.83 3.16 7.96
C GLU A 408 -0.73 3.68 8.86
N ASN A 409 -0.84 3.44 10.18
CA ASN A 409 0.22 3.89 11.06
C ASN A 409 1.59 3.25 10.79
N PHE A 410 1.64 1.97 10.46
CA PHE A 410 2.91 1.33 10.12
C PHE A 410 3.50 1.98 8.81
N ALA A 411 2.64 2.32 7.83
CA ALA A 411 3.10 2.88 6.53
C ALA A 411 3.68 4.29 6.84
N LEU A 412 2.92 5.08 7.62
CA LEU A 412 3.43 6.37 8.07
C LEU A 412 4.80 6.29 8.70
N LEU A 413 4.98 5.36 9.64
CA LEU A 413 6.19 5.11 10.36
C LEU A 413 7.32 4.70 9.41
N GLN A 414 7.02 3.76 8.55
CA GLN A 414 8.05 3.27 7.63
C GLN A 414 8.52 4.34 6.63
N VAL A 415 7.62 5.07 6.04
CA VAL A 415 7.93 6.05 5.01
C VAL A 415 8.61 7.26 5.67
N LYS A 416 8.02 7.77 6.76
CA LYS A 416 8.64 8.92 7.44
C LYS A 416 9.99 8.55 7.93
N SER A 417 10.21 7.38 8.52
CA SER A 417 11.48 7.01 9.00
C SER A 417 12.57 6.89 7.90
N ILE A 418 12.18 6.22 6.83
CA ILE A 418 13.12 6.04 5.71
C ILE A 418 13.52 7.36 5.17
N ILE A 419 12.58 8.27 4.88
CA ILE A 419 12.90 9.53 4.27
C ILE A 419 13.72 10.42 5.24
N SER A 420 13.36 10.42 6.53
CA SER A 420 14.19 11.01 7.59
C SER A 420 15.62 10.49 7.65
N ILE A 421 15.87 9.19 7.63
CA ILE A 421 17.16 8.68 7.76
C ILE A 421 17.98 9.05 6.47
N LEU A 422 17.34 8.90 5.32
CA LEU A 422 18.05 9.20 4.03
C LEU A 422 18.49 10.64 4.03
N LEU A 423 17.61 11.57 4.40
CA LEU A 423 17.98 12.98 4.53
C LEU A 423 19.12 13.21 5.48
N ARG A 424 19.14 12.49 6.59
CA ARG A 424 20.20 12.65 7.54
C ARG A 424 21.52 12.27 6.89
N TYR A 425 21.50 11.23 6.07
CA TYR A 425 22.76 10.72 5.48
C TYR A 425 23.20 11.59 4.27
N PHE A 426 22.22 12.00 3.44
CA PHE A 426 22.48 12.51 2.08
C PHE A 426 21.85 13.82 1.77
N ASP A 427 22.60 14.66 1.05
CA ASP A 427 21.99 15.59 0.19
C ASP A 427 21.57 14.85 -1.10
N MET A 428 20.42 15.19 -1.64
CA MET A 428 19.84 14.52 -2.78
C MET A 428 19.17 15.49 -3.74
N GLU A 429 19.41 15.34 -5.05
CA GLU A 429 18.60 16.07 -6.04
C GLU A 429 18.09 15.15 -7.11
N TYR A 430 16.87 15.40 -7.52
CA TYR A 430 16.18 14.63 -8.50
C TYR A 430 16.65 15.09 -9.90
N ILE A 431 16.74 14.15 -10.84
CA ILE A 431 17.21 14.39 -12.22
C ILE A 431 15.98 14.42 -13.08
N GLY A 432 15.65 15.59 -13.61
CA GLY A 432 14.54 15.70 -14.53
C GLY A 432 13.21 16.10 -13.97
N LYS A 433 12.20 16.01 -14.82
CA LYS A 433 10.81 16.24 -14.47
C LYS A 433 10.32 15.09 -13.58
N ILE A 434 9.50 15.40 -12.60
CA ILE A 434 8.81 14.38 -11.82
C ILE A 434 7.96 13.60 -12.82
N PRO A 435 8.10 12.28 -12.85
CA PRO A 435 7.28 11.53 -13.83
C PRO A 435 5.74 11.48 -13.63
N ASP A 436 5.08 10.98 -14.67
CA ASP A 436 3.71 10.55 -14.57
C ASP A 436 3.60 9.12 -13.99
N PRO A 437 2.45 8.81 -13.42
CA PRO A 437 2.25 7.44 -12.96
C PRO A 437 2.09 6.53 -14.19
N SER A 438 2.52 5.28 -14.03
CA SER A 438 2.28 4.21 -14.99
C SER A 438 1.19 3.26 -14.51
N TYR A 439 0.13 3.17 -15.30
CA TYR A 439 -0.99 2.28 -15.02
C TYR A 439 -0.92 0.84 -15.52
N THR A 440 0.29 0.36 -15.73
CA THR A 440 0.62 -0.99 -16.16
C THR A 440 0.66 -2.00 -15.05
N SER A 441 0.66 -1.53 -13.80
CA SER A 441 0.83 -2.44 -12.69
C SER A 441 -0.37 -2.37 -11.74
N LEU A 442 -0.49 -3.42 -10.94
CA LEU A 442 -1.62 -3.51 -10.00
C LEU A 442 -1.62 -2.35 -8.99
N VAL A 443 -0.51 -2.23 -8.32
CA VAL A 443 -0.26 -1.08 -7.45
C VAL A 443 0.55 -0.03 -8.27
N VAL A 444 -0.01 1.15 -8.42
CA VAL A 444 0.51 2.12 -9.36
C VAL A 444 1.64 2.97 -8.77
N GLY A 445 2.76 3.08 -9.52
CA GLY A 445 3.93 3.80 -9.10
C GLY A 445 4.42 4.72 -10.21
N PRO A 446 5.50 5.45 -9.93
CA PRO A 446 5.95 6.36 -10.98
C PRO A 446 6.51 5.60 -12.23
N SER A 447 6.33 6.20 -13.42
CA SER A 447 7.06 5.70 -14.63
C SER A 447 8.55 5.79 -14.51
N PRO A 448 9.22 4.67 -14.79
CA PRO A 448 10.66 4.72 -14.74
C PRO A 448 11.22 5.47 -15.95
N PRO A 449 12.47 5.97 -15.84
CA PRO A 449 13.31 5.85 -14.68
C PRO A 449 13.10 7.03 -13.68
N THR A 450 13.49 6.78 -12.44
CA THR A 450 13.37 7.80 -11.35
C THR A 450 14.73 7.94 -10.75
N ARG A 451 15.56 8.83 -11.27
CA ARG A 451 16.93 8.86 -10.83
C ARG A 451 17.18 10.12 -9.99
N MET A 452 18.06 10.02 -9.03
CA MET A 452 18.53 11.17 -8.26
C MET A 452 19.98 11.00 -7.96
N ARG A 453 20.65 12.16 -7.77
CA ARG A 453 22.03 12.22 -7.34
C ARG A 453 22.06 12.32 -5.85
N TYR A 454 23.01 11.68 -5.20
CA TYR A 454 23.15 11.83 -3.80
C TYR A 454 24.59 12.11 -3.40
N LYS A 455 24.74 12.80 -2.27
CA LYS A 455 26.05 12.84 -1.67
C LYS A 455 26.04 12.84 -0.14
N LEU A 456 26.96 12.14 0.48
CA LEU A 456 27.01 12.02 1.89
C LEU A 456 27.23 13.37 2.56
N ARG A 457 26.54 13.62 3.66
CA ARG A 457 26.70 14.88 4.40
C ARG A 457 27.82 14.90 5.44
N LYS A 458 28.31 13.75 5.86
CA LYS A 458 29.40 13.67 6.83
C LYS A 458 30.55 12.85 6.28
N GLN A 459 31.65 13.54 5.91
CA GLN A 459 32.90 12.95 5.38
C GLN A 459 33.18 11.52 5.79
#